data_5FUT
#
_entry.id   5FUT
#
_cell.length_a   61.364
_cell.length_b   61.364
_cell.length_c   219.705
_cell.angle_alpha   90.00
_cell.angle_beta   90.00
_cell.angle_gamma   90.00
#
_symmetry.space_group_name_H-M   'P 43 21 2'
#
loop_
_entity.id
_entity.type
_entity.pdbx_description
1 polymer 'CHOLINE KINASE ALPHA'
2 non-polymer 1,2-ETHANEDIOL
3 non-polymer 4-(dimethylamino)-1-{4-[4-(4-{[4-(pyrrolidin-1-yl)pyridinium-1-yl]methyl}phenyl)butyl]benzyl}pyridinium
4 water water
#
_entity_poly.entity_id   1
_entity_poly.type   'polypeptide(L)'
_entity_poly.pdbx_seq_one_letter_code
;DEQPEPRTRRRAYLWCKEFLPGAWRGLREDEFHISVIRGGLSNMLFQCSLPDTTATLGDEPRKVLLRLYGAILQMRSCNK
EGSEQAQKENEFQGAEAMVLESVMFAILAERSLGPKLYGIFPQGRLEQFIPSRRLDTEELSLPDISAEIAEKMATFHGMK
MPFNKEPKWLFGTMEKYLKEVLRIKFTEESRIKKLHKLLSYNLPLELENLRSLLESTPSPVVFCHNDCQEGNILLLEGRE
NSEKQKLMLIDFEYSSYNYRGFDIGNHFCEWMYDYSYEKYPFFRANIRKYPTKKQQLHFISSYLPAFQNDFENLSTEEKS
IIKEEMLLEVNRFALASHFLWGLWSIVQAKISSIEFGYMDYAQARFDAYFHQKRKLGV
;
_entity_poly.pdbx_strand_id   A
#
loop_
_chem_comp.id
_chem_comp.type
_chem_comp.name
_chem_comp.formula
EDO non-polymer 1,2-ETHANEDIOL 'C2 H6 O2'
PQ7 non-polymer 4-(dimethylamino)-1-{4-[4-(4-{[4-(pyrrolidin-1-yl)pyridinium-1-yl]methyl}phenyl)butyl]benzyl}pyridinium 'C34 H42 N4 2'
#
# COMPACT_ATOMS: atom_id res chain seq x y z
N ASP A 1 12.51 11.54 -21.09
CA ASP A 1 13.61 10.92 -20.36
C ASP A 1 14.36 11.93 -19.51
N GLU A 2 13.82 12.24 -18.33
CA GLU A 2 14.45 13.20 -17.43
C GLU A 2 15.72 12.59 -16.84
N GLN A 3 16.80 13.38 -16.82
CA GLN A 3 18.08 12.90 -16.36
C GLN A 3 18.34 13.31 -14.91
N PRO A 4 18.98 12.45 -14.13
CA PRO A 4 19.31 12.79 -12.74
C PRO A 4 20.49 13.75 -12.68
N GLU A 5 20.75 14.22 -11.46
CA GLU A 5 21.92 15.05 -11.22
C GLU A 5 23.18 14.26 -11.54
N PRO A 6 24.24 14.92 -12.03
CA PRO A 6 25.48 14.20 -12.35
C PRO A 6 25.99 13.34 -11.20
N ARG A 7 25.89 13.81 -9.95
CA ARG A 7 26.36 13.00 -8.83
C ARG A 7 25.50 11.74 -8.64
N THR A 8 24.20 11.86 -8.90
CA THR A 8 23.32 10.70 -8.80
C THR A 8 23.57 9.73 -9.94
N ARG A 9 23.78 10.24 -11.15
CA ARG A 9 24.13 9.37 -12.26
C ARG A 9 25.39 8.59 -11.95
N ARG A 10 26.38 9.28 -11.40
CA ARG A 10 27.64 8.64 -11.06
CA ARG A 10 27.65 8.63 -11.07
C ARG A 10 27.45 7.56 -10.00
N ARG A 11 26.70 7.88 -8.94
CA ARG A 11 26.44 6.90 -7.88
C ARG A 11 25.67 5.71 -8.42
N ALA A 12 24.65 5.96 -9.26
CA ALA A 12 23.86 4.86 -9.80
C ALA A 12 24.69 3.97 -10.69
N TYR A 13 25.53 4.56 -11.53
CA TYR A 13 26.44 3.79 -12.36
C TYR A 13 27.27 2.85 -11.49
N LEU A 14 27.83 3.37 -10.39
CA LEU A 14 28.70 2.57 -9.54
C LEU A 14 27.93 1.46 -8.83
N TRP A 15 26.72 1.74 -8.34
CA TRP A 15 25.92 0.69 -7.72
C TRP A 15 25.59 -0.41 -8.73
N CYS A 16 25.20 -0.03 -9.93
CA CYS A 16 24.90 -1.04 -10.95
C CYS A 16 26.14 -1.84 -11.32
N LYS A 17 27.27 -1.16 -11.53
CA LYS A 17 28.48 -1.84 -11.97
C LYS A 17 28.99 -2.83 -10.94
N GLU A 18 28.79 -2.55 -9.66
CA GLU A 18 29.35 -3.40 -8.63
C GLU A 18 28.36 -4.44 -8.09
N PHE A 19 27.05 -4.16 -8.17
CA PHE A 19 26.08 -5.11 -7.63
C PHE A 19 25.49 -6.04 -8.66
N LEU A 20 25.56 -5.69 -9.98
CA LEU A 20 24.96 -6.53 -11.00
C LEU A 20 26.03 -7.29 -11.75
N PRO A 21 25.76 -8.53 -12.13
CA PRO A 21 26.77 -9.35 -12.80
C PRO A 21 26.76 -9.18 -14.31
N GLY A 22 27.69 -9.89 -14.97
CA GLY A 22 27.66 -9.98 -16.42
C GLY A 22 28.11 -8.68 -17.07
N ALA A 23 27.32 -8.24 -18.04
CA ALA A 23 27.73 -7.10 -18.84
C ALA A 23 27.85 -5.83 -18.01
N TRP A 24 27.18 -5.78 -16.86
CA TRP A 24 27.23 -4.58 -16.04
C TRP A 24 28.61 -4.34 -15.47
N ARG A 25 29.34 -5.41 -15.16
CA ARG A 25 30.61 -5.26 -14.45
C ARG A 25 31.64 -4.53 -15.30
N GLY A 26 31.60 -4.70 -16.62
CA GLY A 26 32.48 -4.00 -17.52
C GLY A 26 31.89 -2.80 -18.20
N LEU A 27 30.73 -2.32 -17.76
CA LEU A 27 30.06 -1.22 -18.44
C LEU A 27 30.84 0.08 -18.28
N ARG A 28 30.97 0.82 -19.37
CA ARG A 28 31.56 2.16 -19.31
C ARG A 28 30.53 3.18 -18.85
N GLU A 29 30.99 4.17 -18.09
CA GLU A 29 30.07 5.19 -17.61
C GLU A 29 29.39 5.90 -18.78
N ASP A 30 30.09 6.09 -19.91
CA ASP A 30 29.47 6.84 -21.00
C ASP A 30 28.42 6.04 -21.75
N GLU A 31 28.24 4.75 -21.46
CA GLU A 31 27.15 3.99 -22.06
CA GLU A 31 27.17 3.98 -22.06
C GLU A 31 26.09 3.60 -21.05
N PHE A 32 26.18 4.11 -19.82
CA PHE A 32 25.18 3.88 -18.80
C PHE A 32 23.95 4.73 -19.08
N HIS A 33 22.77 4.12 -19.00
CA HIS A 33 21.51 4.81 -19.24
C HIS A 33 20.72 4.86 -17.95
N ILE A 34 20.25 6.05 -17.59
CA ILE A 34 19.42 6.22 -16.39
C ILE A 34 18.42 7.32 -16.66
N SER A 35 17.18 7.11 -16.22
CA SER A 35 16.18 8.16 -16.29
C SER A 35 15.39 8.15 -14.99
N VAL A 36 14.90 9.33 -14.64
CA VAL A 36 14.07 9.46 -13.44
C VAL A 36 12.70 8.88 -13.72
N ILE A 37 12.26 7.97 -12.84
CA ILE A 37 10.88 7.48 -12.86
C ILE A 37 9.99 8.31 -11.96
N ARG A 38 10.43 8.51 -10.72
CA ARG A 38 9.70 9.29 -9.74
C ARG A 38 10.71 10.12 -8.96
N GLY A 39 10.47 11.42 -8.91
CA GLY A 39 11.34 12.32 -8.18
C GLY A 39 10.91 12.49 -6.75
N GLY A 40 11.28 13.62 -6.18
CA GLY A 40 10.97 13.94 -4.80
C GLY A 40 12.22 14.00 -3.94
N LEU A 41 11.98 14.18 -2.65
CA LEU A 41 13.03 14.31 -1.65
C LEU A 41 13.32 12.98 -0.95
N SER A 42 12.46 11.98 -1.13
CA SER A 42 12.61 10.68 -0.49
C SER A 42 12.03 9.60 -1.40
N ASN A 43 12.65 8.43 -1.35
CA ASN A 43 12.29 7.28 -2.19
C ASN A 43 12.11 7.69 -3.65
N MET A 44 13.14 8.35 -4.18
CA MET A 44 13.21 8.62 -5.61
C MET A 44 13.47 7.31 -6.36
N LEU A 45 12.90 7.21 -7.56
CA LEU A 45 12.99 6.01 -8.37
C LEU A 45 13.65 6.32 -9.69
N PHE A 46 14.52 5.42 -10.14
CA PHE A 46 15.22 5.58 -11.41
C PHE A 46 15.23 4.25 -12.12
N GLN A 47 15.14 4.32 -13.44
CA GLN A 47 15.33 3.16 -14.31
C GLN A 47 16.75 3.21 -14.83
N CYS A 48 17.48 2.11 -14.66
CA CYS A 48 18.87 2.01 -15.10
C CYS A 48 18.97 0.90 -16.13
N SER A 49 19.70 1.14 -17.22
CA SER A 49 19.72 0.12 -18.26
C SER A 49 21.06 0.07 -18.99
N LEU A 50 21.34 -1.12 -19.51
CA LEU A 50 22.42 -1.31 -20.46
C LEU A 50 22.06 -0.61 -21.77
N PRO A 51 23.07 -0.21 -22.55
CA PRO A 51 22.79 0.24 -23.92
C PRO A 51 22.25 -0.92 -24.75
N ASP A 52 21.41 -0.57 -25.72
CA ASP A 52 20.82 -1.60 -26.57
C ASP A 52 21.87 -2.35 -27.36
N THR A 53 23.06 -1.77 -27.55
CA THR A 53 24.14 -2.38 -28.29
C THR A 53 25.02 -3.29 -27.44
N THR A 54 24.74 -3.42 -26.15
CA THR A 54 25.48 -4.30 -25.25
C THR A 54 24.69 -5.59 -25.03
N ALA A 55 25.32 -6.71 -25.39
CA ALA A 55 24.70 -8.02 -25.16
C ALA A 55 24.91 -8.45 -23.72
N THR A 56 23.90 -9.10 -23.17
CA THR A 56 24.08 -9.71 -21.86
C THR A 56 24.98 -10.94 -21.97
N LEU A 57 25.72 -11.21 -20.91
CA LEU A 57 26.63 -12.36 -20.87
C LEU A 57 25.97 -13.61 -20.30
N GLY A 58 24.99 -13.43 -19.42
CA GLY A 58 24.28 -14.55 -18.83
C GLY A 58 22.84 -14.20 -18.56
N ASP A 59 22.38 -14.44 -17.34
CA ASP A 59 21.00 -14.18 -16.94
C ASP A 59 20.81 -12.82 -16.31
N GLU A 60 21.78 -11.90 -16.45
CA GLU A 60 21.66 -10.62 -15.77
C GLU A 60 20.56 -9.78 -16.41
N PRO A 61 19.90 -8.93 -15.64
CA PRO A 61 18.85 -8.09 -16.22
C PRO A 61 19.44 -7.01 -17.12
N ARG A 62 18.68 -6.63 -18.15
CA ARG A 62 19.09 -5.53 -19.00
C ARG A 62 18.67 -4.18 -18.44
N LYS A 63 17.70 -4.17 -17.55
CA LYS A 63 17.12 -2.97 -17.00
C LYS A 63 16.77 -3.27 -15.56
N VAL A 64 17.04 -2.30 -14.65
CA VAL A 64 16.70 -2.48 -13.23
C VAL A 64 16.08 -1.19 -12.71
N LEU A 65 15.45 -1.29 -11.53
CA LEU A 65 14.93 -0.13 -10.84
C LEU A 65 15.86 0.22 -9.68
N LEU A 66 16.25 1.48 -9.59
CA LEU A 66 17.00 1.99 -8.44
C LEU A 66 16.06 2.78 -7.56
N ARG A 67 15.99 2.41 -6.29
CA ARG A 67 15.19 3.12 -5.29
C ARG A 67 16.17 3.77 -4.33
N LEU A 68 16.10 5.11 -4.20
CA LEU A 68 16.94 5.87 -3.27
C LEU A 68 16.05 6.34 -2.12
N TYR A 69 16.30 5.83 -0.92
CA TYR A 69 15.60 6.32 0.26
C TYR A 69 15.83 7.82 0.43
N GLY A 70 17.09 8.20 0.46
CA GLY A 70 17.54 9.55 0.26
C GLY A 70 18.84 9.40 -0.50
N GLY A 94 14.04 3.13 13.19
CA GLY A 94 14.99 3.80 12.31
C GLY A 94 15.92 2.81 11.63
N ALA A 95 17.05 2.54 12.26
CA ALA A 95 17.89 1.43 11.81
C ALA A 95 17.12 0.12 11.90
N GLU A 96 16.33 -0.03 12.97
CA GLU A 96 15.45 -1.19 13.08
C GLU A 96 14.45 -1.24 11.92
N ALA A 97 13.85 -0.09 11.58
CA ALA A 97 12.92 -0.06 10.45
C ALA A 97 13.60 -0.48 9.16
N MET A 98 14.87 -0.07 8.97
CA MET A 98 15.59 -0.44 7.77
C MET A 98 15.84 -1.94 7.72
N VAL A 99 16.22 -2.54 8.84
CA VAL A 99 16.45 -3.99 8.88
C VAL A 99 15.17 -4.74 8.54
N LEU A 100 14.07 -4.40 9.21
CA LEU A 100 12.82 -5.14 9.00
C LEU A 100 12.33 -4.99 7.57
N GLU A 101 12.37 -3.77 7.03
CA GLU A 101 11.90 -3.58 5.66
C GLU A 101 12.77 -4.32 4.66
N SER A 102 14.08 -4.33 4.88
CA SER A 102 14.98 -5.02 3.95
C SER A 102 14.81 -6.52 4.00
N VAL A 103 14.67 -7.07 5.21
CA VAL A 103 14.42 -8.50 5.37
C VAL A 103 13.09 -8.87 4.74
N MET A 104 12.05 -8.08 5.00
CA MET A 104 10.76 -8.34 4.38
C MET A 104 10.85 -8.36 2.87
N PHE A 105 11.49 -7.33 2.28
CA PHE A 105 11.56 -7.27 0.83
C PHE A 105 12.32 -8.47 0.27
N ALA A 106 13.41 -8.85 0.94
CA ALA A 106 14.20 -9.98 0.48
C ALA A 106 13.39 -11.26 0.52
N ILE A 107 12.61 -11.45 1.58
CA ILE A 107 11.80 -12.67 1.71
C ILE A 107 10.71 -12.70 0.64
N LEU A 108 10.01 -11.58 0.45
CA LEU A 108 8.96 -11.57 -0.57
C LEU A 108 9.53 -11.82 -1.95
N ALA A 109 10.76 -11.34 -2.21
CA ALA A 109 11.43 -11.62 -3.48
C ALA A 109 11.74 -13.09 -3.64
N GLU A 110 12.25 -13.73 -2.58
CA GLU A 110 12.54 -15.16 -2.61
C GLU A 110 11.30 -15.97 -2.95
N ARG A 111 10.14 -15.55 -2.42
CA ARG A 111 8.90 -16.28 -2.54
C ARG A 111 8.13 -15.90 -3.80
N SER A 112 8.73 -15.10 -4.67
CA SER A 112 8.13 -14.65 -5.93
C SER A 112 6.84 -13.86 -5.69
N LEU A 113 6.76 -13.13 -4.58
N LEU A 113 6.72 -13.20 -4.54
CA LEU A 113 5.62 -12.28 -4.26
CA LEU A 113 5.60 -12.30 -4.34
C LEU A 113 5.96 -10.81 -4.31
C LEU A 113 5.92 -10.89 -4.81
N GLY A 114 7.17 -10.47 -4.66
CA GLY A 114 7.53 -9.11 -4.98
C GLY A 114 8.63 -9.12 -6.02
N PRO A 115 9.05 -7.93 -6.43
CA PRO A 115 10.16 -7.84 -7.38
C PRO A 115 11.43 -8.44 -6.80
N LYS A 116 12.25 -9.00 -7.68
CA LYS A 116 13.51 -9.53 -7.21
C LYS A 116 14.37 -8.41 -6.62
N LEU A 117 15.24 -8.80 -5.70
CA LEU A 117 16.18 -7.89 -5.05
C LEU A 117 17.59 -8.14 -5.58
N TYR A 118 18.16 -7.16 -6.28
CA TYR A 118 19.49 -7.31 -6.86
C TYR A 118 20.61 -6.72 -6.01
N GLY A 119 20.31 -5.73 -5.18
CA GLY A 119 21.36 -5.07 -4.43
C GLY A 119 20.79 -4.27 -3.29
N ILE A 120 21.47 -4.27 -2.15
CA ILE A 120 21.04 -3.47 -1.01
C ILE A 120 22.26 -2.74 -0.45
N PHE A 121 22.06 -1.46 -0.15
CA PHE A 121 23.14 -0.59 0.31
C PHE A 121 22.51 0.51 1.15
N PRO A 122 23.32 1.26 1.91
CA PRO A 122 22.71 2.20 2.87
C PRO A 122 21.79 3.23 2.23
N GLN A 123 22.05 3.61 0.99
CA GLN A 123 21.31 4.67 0.34
C GLN A 123 20.06 4.19 -0.39
N GLY A 124 19.90 2.88 -0.60
CA GLY A 124 18.79 2.41 -1.39
C GLY A 124 18.96 0.96 -1.80
N ARG A 125 18.25 0.59 -2.86
CA ARG A 125 18.35 -0.79 -3.32
C ARG A 125 18.11 -0.84 -4.82
N LEU A 126 18.59 -1.93 -5.41
CA LEU A 126 18.37 -2.23 -6.83
C LEU A 126 17.37 -3.37 -6.91
N GLU A 127 16.29 -3.15 -7.64
CA GLU A 127 15.17 -4.08 -7.72
C GLU A 127 14.92 -4.47 -9.16
N GLN A 128 14.20 -5.58 -9.33
CA GLN A 128 13.73 -5.97 -10.65
C GLN A 128 12.82 -4.90 -11.24
N PHE A 129 13.01 -4.61 -12.52
CA PHE A 129 12.11 -3.69 -13.22
C PHE A 129 10.95 -4.49 -13.80
N ILE A 130 9.73 -4.12 -13.42
CA ILE A 130 8.52 -4.82 -13.83
C ILE A 130 7.74 -3.91 -14.78
N PRO A 131 7.75 -4.17 -16.08
CA PRO A 131 6.97 -3.33 -16.99
C PRO A 131 5.50 -3.39 -16.64
N SER A 132 4.91 -2.20 -16.46
CA SER A 132 3.60 -2.11 -15.85
C SER A 132 3.14 -0.67 -15.83
N ARG A 133 1.88 -0.49 -15.43
CA ARG A 133 1.40 0.79 -14.92
C ARG A 133 0.62 0.51 -13.65
N ARG A 134 0.40 1.56 -12.86
CA ARG A 134 -0.45 1.42 -11.69
C ARG A 134 -1.91 1.42 -12.10
N LEU A 135 -2.74 0.76 -11.28
CA LEU A 135 -4.18 0.85 -11.47
C LEU A 135 -4.69 2.25 -11.12
N ASP A 136 -5.83 2.60 -11.73
N ASP A 136 -5.82 2.62 -11.72
CA ASP A 136 -6.62 3.78 -11.38
CA ASP A 136 -6.53 3.81 -11.27
C ASP A 136 -7.71 3.38 -10.40
C ASP A 136 -7.71 3.40 -10.41
N THR A 137 -8.28 4.38 -9.71
CA THR A 137 -9.30 4.08 -8.70
C THR A 137 -10.50 3.35 -9.30
N GLU A 138 -10.95 3.78 -10.47
CA GLU A 138 -12.12 3.16 -11.10
C GLU A 138 -11.91 1.68 -11.42
N GLU A 139 -10.66 1.27 -11.66
CA GLU A 139 -10.38 -0.12 -12.03
C GLU A 139 -10.50 -1.08 -10.84
N LEU A 140 -10.46 -0.57 -9.61
CA LEU A 140 -10.59 -1.44 -8.44
C LEU A 140 -11.93 -2.17 -8.43
N SER A 141 -12.96 -1.60 -9.05
CA SER A 141 -14.29 -2.21 -9.03
C SER A 141 -14.55 -3.16 -10.18
N LEU A 142 -13.65 -3.26 -11.15
CA LEU A 142 -13.85 -4.22 -12.22
C LEU A 142 -13.84 -5.63 -11.63
N PRO A 143 -14.82 -6.49 -11.96
CA PRO A 143 -14.91 -7.79 -11.27
C PRO A 143 -13.64 -8.64 -11.36
N ASP A 144 -13.01 -8.73 -12.54
CA ASP A 144 -11.80 -9.55 -12.64
C ASP A 144 -10.64 -8.93 -11.88
N ILE A 145 -10.58 -7.59 -11.81
CA ILE A 145 -9.52 -6.93 -11.06
C ILE A 145 -9.73 -7.17 -9.58
N SER A 146 -10.95 -6.93 -9.11
CA SER A 146 -11.26 -7.12 -7.69
C SER A 146 -11.00 -8.55 -7.26
N ALA A 147 -11.40 -9.53 -8.09
CA ALA A 147 -11.17 -10.92 -7.75
C ALA A 147 -9.68 -11.24 -7.63
N GLU A 148 -8.85 -10.66 -8.50
CA GLU A 148 -7.42 -10.95 -8.40
C GLU A 148 -6.80 -10.25 -7.20
N ILE A 149 -7.20 -9.02 -6.92
CA ILE A 149 -6.70 -8.37 -5.70
C ILE A 149 -7.02 -9.22 -4.48
N ALA A 150 -8.25 -9.75 -4.42
CA ALA A 150 -8.59 -10.61 -3.28
C ALA A 150 -7.70 -11.84 -3.22
N GLU A 151 -7.44 -12.46 -4.37
CA GLU A 151 -6.56 -13.62 -4.40
C GLU A 151 -5.15 -13.24 -3.96
N LYS A 152 -4.66 -12.09 -4.45
CA LYS A 152 -3.31 -11.66 -4.07
C LYS A 152 -3.23 -11.32 -2.60
N MET A 153 -4.27 -10.69 -2.05
CA MET A 153 -4.25 -10.38 -0.62
C MET A 153 -4.30 -11.65 0.22
N ALA A 154 -5.16 -12.61 -0.16
CA ALA A 154 -5.22 -13.87 0.57
C ALA A 154 -3.85 -14.55 0.56
N THR A 155 -3.15 -14.49 -0.57
CA THR A 155 -1.82 -15.07 -0.66
C THR A 155 -0.84 -14.36 0.28
N PHE A 156 -0.85 -13.03 0.25
CA PHE A 156 -0.05 -12.22 1.17
C PHE A 156 -0.35 -12.63 2.62
N HIS A 157 -1.63 -12.83 2.96
CA HIS A 157 -2.03 -13.11 4.35
C HIS A 157 -1.57 -14.49 4.83
N GLY A 158 -1.19 -15.37 3.92
CA GLY A 158 -0.57 -16.62 4.30
C GLY A 158 0.92 -16.56 4.57
N MET A 159 1.57 -15.41 4.37
CA MET A 159 3.00 -15.35 4.60
C MET A 159 3.31 -15.55 6.08
N LYS A 160 4.19 -16.50 6.39
CA LYS A 160 4.86 -16.49 7.68
C LYS A 160 6.05 -15.56 7.57
N MET A 161 6.16 -14.61 8.48
CA MET A 161 7.24 -13.63 8.44
C MET A 161 7.86 -13.50 9.82
N PRO A 162 9.16 -13.21 9.90
CA PRO A 162 9.87 -13.24 11.19
C PRO A 162 9.69 -11.98 12.03
N PHE A 163 8.45 -11.50 12.13
CA PHE A 163 8.14 -10.24 12.79
C PHE A 163 7.16 -10.50 13.92
N ASN A 164 7.03 -9.49 14.78
CA ASN A 164 6.16 -9.60 15.95
C ASN A 164 4.73 -9.90 15.51
N LYS A 165 4.14 -10.94 16.10
CA LYS A 165 2.82 -11.38 15.70
C LYS A 165 1.71 -10.86 16.61
N GLU A 166 2.06 -10.10 17.65
CA GLU A 166 1.05 -9.41 18.44
C GLU A 166 0.45 -8.30 17.59
N PRO A 167 -0.87 -8.23 17.48
CA PRO A 167 -1.52 -7.22 16.64
C PRO A 167 -1.60 -5.84 17.30
N LYS A 168 -0.47 -5.37 17.81
CA LYS A 168 -0.44 -4.08 18.46
C LYS A 168 -0.41 -2.93 17.46
N TRP A 169 -0.22 -3.22 16.18
CA TRP A 169 0.06 -2.19 15.19
C TRP A 169 -1.08 -1.20 15.04
N LEU A 170 -2.31 -1.70 14.92
CA LEU A 170 -3.42 -0.84 14.53
C LEU A 170 -3.70 0.22 15.58
N PHE A 171 -3.99 -0.21 16.81
CA PHE A 171 -4.31 0.76 17.85
C PHE A 171 -3.07 1.42 18.42
N GLY A 172 -1.93 0.73 18.37
CA GLY A 172 -0.69 1.39 18.73
C GLY A 172 -0.41 2.58 17.84
N THR A 173 -0.61 2.41 16.53
CA THR A 173 -0.39 3.51 15.60
C THR A 173 -1.45 4.61 15.78
N MET A 174 -2.71 4.23 15.96
CA MET A 174 -3.74 5.25 16.15
C MET A 174 -3.51 6.04 17.42
N GLU A 175 -3.11 5.37 18.50
CA GLU A 175 -2.84 6.10 19.74
C GLU A 175 -1.67 7.05 19.56
N LYS A 176 -0.62 6.58 18.88
CA LYS A 176 0.56 7.42 18.62
C LYS A 176 0.16 8.65 17.82
N TYR A 177 -0.59 8.47 16.74
CA TYR A 177 -1.01 9.60 15.94
C TYR A 177 -1.93 10.52 16.72
N LEU A 178 -2.83 9.95 17.53
CA LEU A 178 -3.76 10.82 18.25
C LEU A 178 -3.03 11.73 19.22
N LYS A 179 -2.01 11.20 19.90
CA LYS A 179 -1.24 12.03 20.83
C LYS A 179 -0.52 13.14 20.10
N GLU A 180 0.04 12.83 18.92
CA GLU A 180 0.63 13.87 18.08
C GLU A 180 -0.40 14.93 17.71
N VAL A 181 -1.58 14.48 17.26
CA VAL A 181 -2.59 15.41 16.75
C VAL A 181 -3.04 16.39 17.83
N LEU A 182 -3.26 15.89 19.04
CA LEU A 182 -3.78 16.74 20.10
C LEU A 182 -2.85 17.90 20.42
N ARG A 183 -1.56 17.73 20.13
CA ARG A 183 -0.54 18.70 20.51
C ARG A 183 -0.14 19.60 19.36
N ILE A 184 -0.74 19.43 18.19
CA ILE A 184 -0.36 20.24 17.04
C ILE A 184 -0.75 21.69 17.29
N LYS A 185 0.19 22.60 17.04
CA LYS A 185 -0.06 24.03 17.08
C LYS A 185 0.19 24.55 15.66
N PHE A 186 -0.88 24.68 14.88
CA PHE A 186 -0.77 25.35 13.60
C PHE A 186 -0.65 26.86 13.79
N THR A 187 -0.04 27.52 12.82
CA THR A 187 -0.04 28.98 12.79
C THR A 187 -0.92 29.54 11.68
N GLU A 188 -1.23 28.74 10.66
CA GLU A 188 -2.03 29.21 9.54
C GLU A 188 -3.51 29.05 9.88
N GLU A 189 -4.30 30.06 9.52
CA GLU A 189 -5.64 30.20 10.06
C GLU A 189 -6.56 29.05 9.64
N SER A 190 -6.51 28.67 8.35
CA SER A 190 -7.44 27.63 7.90
C SER A 190 -7.14 26.30 8.57
N ARG A 191 -5.87 25.99 8.77
CA ARG A 191 -5.51 24.74 9.43
C ARG A 191 -5.92 24.77 10.92
N ILE A 192 -5.80 25.93 11.57
CA ILE A 192 -6.25 26.06 12.96
C ILE A 192 -7.74 25.74 13.05
N LYS A 193 -8.53 26.34 12.16
CA LYS A 193 -9.98 26.18 12.17
C LYS A 193 -10.38 24.75 11.85
N LYS A 194 -9.75 24.16 10.82
CA LYS A 194 -10.09 22.78 10.47
C LYS A 194 -9.69 21.82 11.58
N LEU A 195 -8.56 22.07 12.23
CA LEU A 195 -8.16 21.20 13.34
C LEU A 195 -9.16 21.29 14.49
N HIS A 196 -9.61 22.50 14.84
CA HIS A 196 -10.57 22.64 15.93
C HIS A 196 -11.83 21.84 15.66
N LYS A 197 -12.28 21.82 14.41
CA LYS A 197 -13.46 21.04 14.08
C LYS A 197 -13.23 19.54 14.24
N LEU A 198 -12.08 19.05 13.75
CA LEU A 198 -11.79 17.62 13.87
C LEU A 198 -11.67 17.19 15.33
N LEU A 199 -11.05 18.02 16.17
CA LEU A 199 -10.89 17.66 17.57
C LEU A 199 -12.19 17.81 18.36
N SER A 200 -13.18 18.52 17.81
CA SER A 200 -14.42 18.72 18.56
C SER A 200 -15.21 17.44 18.71
N TYR A 201 -14.88 16.39 17.94
CA TYR A 201 -15.59 15.13 18.05
C TYR A 201 -15.25 14.36 19.33
N ASN A 202 -14.24 14.79 20.10
CA ASN A 202 -13.69 14.06 21.25
C ASN A 202 -13.11 12.75 20.75
N LEU A 203 -11.93 12.85 20.17
CA LEU A 203 -11.30 11.72 19.51
C LEU A 203 -10.80 10.67 20.49
N PRO A 204 -10.29 11.03 21.68
CA PRO A 204 -9.96 9.98 22.66
C PRO A 204 -11.12 9.05 22.95
N LEU A 205 -12.30 9.61 23.20
CA LEU A 205 -13.45 8.77 23.50
C LEU A 205 -13.88 7.98 22.27
N GLU A 206 -13.88 8.61 21.10
CA GLU A 206 -14.28 7.87 19.91
C GLU A 206 -13.33 6.71 19.63
N LEU A 207 -12.03 6.93 19.81
CA LEU A 207 -11.07 5.86 19.60
C LEU A 207 -11.34 4.69 20.55
N GLU A 208 -11.74 4.98 21.78
CA GLU A 208 -12.00 3.89 22.71
C GLU A 208 -13.32 3.19 22.43
N ASN A 209 -14.30 3.91 21.90
CA ASN A 209 -15.52 3.26 21.43
C ASN A 209 -15.21 2.36 20.24
N LEU A 210 -14.33 2.81 19.35
CA LEU A 210 -13.90 1.96 18.25
C LEU A 210 -13.15 0.73 18.77
N ARG A 211 -12.25 0.92 19.74
CA ARG A 211 -11.54 -0.21 20.34
C ARG A 211 -12.52 -1.23 20.90
N SER A 212 -13.53 -0.76 21.64
CA SER A 212 -14.51 -1.67 22.22
C SER A 212 -15.23 -2.46 21.13
N LEU A 213 -15.64 -1.78 20.05
CA LEU A 213 -16.32 -2.48 18.96
C LEU A 213 -15.42 -3.54 18.34
N LEU A 214 -14.18 -3.16 18.01
CA LEU A 214 -13.32 -4.11 17.32
C LEU A 214 -12.86 -5.25 18.23
N GLU A 215 -12.78 -5.02 19.55
CA GLU A 215 -12.44 -6.11 20.47
C GLU A 215 -13.50 -7.21 20.45
N SER A 216 -14.75 -6.87 20.15
CA SER A 216 -15.81 -7.84 20.03
C SER A 216 -16.01 -8.34 18.59
N THR A 217 -15.07 -8.06 17.71
CA THR A 217 -15.20 -8.44 16.30
C THR A 217 -14.08 -9.39 15.94
N PRO A 218 -14.34 -10.69 15.89
CA PRO A 218 -13.26 -11.64 15.60
C PRO A 218 -12.66 -11.38 14.23
N SER A 219 -11.34 -11.38 14.19
CA SER A 219 -10.59 -11.19 12.96
C SER A 219 -9.22 -11.81 13.11
N PRO A 220 -8.84 -12.78 12.28
CA PRO A 220 -7.54 -13.42 12.47
C PRO A 220 -6.40 -12.45 12.24
N VAL A 221 -5.31 -12.69 12.97
CA VAL A 221 -4.09 -11.89 12.81
C VAL A 221 -3.25 -12.54 11.72
N VAL A 222 -2.96 -11.75 10.68
CA VAL A 222 -2.24 -12.22 9.49
C VAL A 222 -1.24 -11.15 9.09
N PHE A 223 -0.35 -11.52 8.18
CA PHE A 223 0.59 -10.54 7.66
C PHE A 223 -0.16 -9.67 6.66
N CYS A 224 -0.36 -8.40 7.01
CA CYS A 224 -1.17 -7.48 6.24
C CYS A 224 -0.30 -6.53 5.45
N HIS A 225 -0.77 -6.16 4.27
CA HIS A 225 -0.10 -5.14 3.48
C HIS A 225 -0.29 -3.75 4.08
N ASN A 226 -1.52 -3.45 4.53
CA ASN A 226 -1.95 -2.24 5.22
C ASN A 226 -2.08 -1.03 4.33
N ASP A 227 -1.91 -1.19 3.01
CA ASP A 227 -1.98 -0.05 2.11
C ASP A 227 -2.37 -0.49 0.70
N CYS A 228 -3.42 -1.31 0.60
CA CYS A 228 -3.82 -1.88 -0.70
C CYS A 228 -4.67 -0.90 -1.49
N GLN A 229 -4.01 0.19 -1.90
CA GLN A 229 -4.59 1.21 -2.78
CA GLN A 229 -4.61 1.18 -2.78
C GLN A 229 -4.12 0.96 -4.22
N GLU A 230 -4.85 1.56 -5.16
CA GLU A 230 -4.57 1.38 -6.59
C GLU A 230 -3.13 1.76 -6.95
N GLY A 231 -2.56 2.77 -6.28
CA GLY A 231 -1.18 3.15 -6.58
C GLY A 231 -0.13 2.13 -6.18
N ASN A 232 -0.50 1.11 -5.40
CA ASN A 232 0.42 0.04 -5.04
C ASN A 232 0.10 -1.26 -5.75
N ILE A 233 -0.69 -1.20 -6.83
CA ILE A 233 -1.04 -2.40 -7.57
C ILE A 233 -0.60 -2.20 -9.01
N LEU A 234 0.31 -3.05 -9.48
CA LEU A 234 0.79 -3.02 -10.84
C LEU A 234 -0.15 -3.80 -11.75
N LEU A 235 -0.49 -3.20 -12.89
CA LEU A 235 -1.10 -3.91 -14.00
C LEU A 235 0.03 -4.32 -14.95
N LEU A 236 0.28 -5.62 -15.04
CA LEU A 236 1.49 -6.11 -15.72
C LEU A 236 1.38 -5.94 -17.22
N GLU A 237 2.41 -5.36 -17.82
CA GLU A 237 2.40 -5.11 -19.26
C GLU A 237 2.25 -6.40 -20.04
N GLY A 238 1.36 -6.39 -21.03
CA GLY A 238 1.10 -7.55 -21.85
C GLY A 238 0.10 -8.54 -21.27
N ARG A 239 -0.30 -8.38 -20.01
CA ARG A 239 -1.31 -9.22 -19.37
C ARG A 239 -2.66 -8.54 -19.29
N GLU A 240 -2.84 -7.36 -19.90
CA GLU A 240 -4.02 -6.55 -19.62
C GLU A 240 -5.31 -7.23 -20.07
N ASN A 241 -5.23 -8.10 -21.08
CA ASN A 241 -6.39 -8.82 -21.58
C ASN A 241 -6.47 -10.24 -21.03
N SER A 242 -5.61 -10.61 -20.09
CA SER A 242 -5.64 -11.92 -19.48
C SER A 242 -6.61 -11.91 -18.31
N GLU A 243 -7.37 -12.98 -18.14
CA GLU A 243 -8.37 -12.91 -17.09
C GLU A 243 -7.76 -12.99 -15.70
N LYS A 244 -6.70 -13.78 -15.54
CA LYS A 244 -6.05 -13.90 -14.25
C LYS A 244 -4.59 -13.51 -14.34
N GLN A 245 -3.97 -13.38 -13.17
CA GLN A 245 -2.52 -13.17 -13.06
C GLN A 245 -2.06 -11.98 -13.90
N LYS A 246 -2.77 -10.86 -13.78
CA LYS A 246 -2.32 -9.65 -14.44
C LYS A 246 -1.91 -8.55 -13.47
N LEU A 247 -1.90 -8.82 -12.15
CA LEU A 247 -1.55 -7.79 -11.18
C LEU A 247 -0.36 -8.21 -10.33
N MET A 248 0.28 -7.22 -9.72
CA MET A 248 1.24 -7.48 -8.64
C MET A 248 1.03 -6.42 -7.57
N LEU A 249 0.88 -6.85 -6.32
CA LEU A 249 0.88 -5.93 -5.19
C LEU A 249 2.31 -5.56 -4.86
N ILE A 250 2.58 -4.27 -4.69
CA ILE A 250 3.92 -3.82 -4.35
C ILE A 250 3.84 -2.81 -3.20
N ASP A 251 5.00 -2.29 -2.82
CA ASP A 251 5.14 -1.24 -1.82
C ASP A 251 4.66 -1.73 -0.45
N PHE A 252 5.48 -2.61 0.11
CA PHE A 252 5.20 -3.33 1.34
C PHE A 252 5.67 -2.61 2.58
N GLU A 253 6.02 -1.33 2.46
CA GLU A 253 6.76 -0.65 3.53
C GLU A 253 5.96 -0.59 4.83
N TYR A 254 4.63 -0.58 4.76
CA TYR A 254 3.78 -0.43 5.94
C TYR A 254 3.23 -1.75 6.42
N SER A 255 3.70 -2.86 5.86
CA SER A 255 3.16 -4.18 6.17
CA SER A 255 3.16 -4.17 6.17
C SER A 255 3.51 -4.59 7.60
N SER A 256 2.60 -5.35 8.20
CA SER A 256 2.80 -5.78 9.57
C SER A 256 1.77 -6.86 9.88
N TYR A 257 2.03 -7.64 10.92
CA TYR A 257 0.97 -8.47 11.45
C TYR A 257 -0.14 -7.58 11.99
N ASN A 258 -1.37 -7.89 11.60
CA ASN A 258 -2.51 -7.02 11.84
C ASN A 258 -3.77 -7.84 11.64
N TYR A 259 -4.89 -7.25 12.03
CA TYR A 259 -6.18 -7.92 11.82
C TYR A 259 -6.51 -7.98 10.34
N ARG A 260 -6.85 -9.17 9.87
CA ARG A 260 -7.26 -9.37 8.47
C ARG A 260 -8.33 -8.36 8.06
N GLY A 261 -9.30 -8.12 8.93
CA GLY A 261 -10.38 -7.21 8.60
C GLY A 261 -9.91 -5.83 8.23
N PHE A 262 -8.80 -5.37 8.83
CA PHE A 262 -8.27 -4.07 8.46
C PHE A 262 -7.77 -4.05 7.02
N ASP A 263 -7.02 -5.06 6.60
CA ASP A 263 -6.46 -5.03 5.25
C ASP A 263 -7.59 -5.00 4.22
N ILE A 264 -8.63 -5.81 4.44
CA ILE A 264 -9.73 -5.85 3.48
C ILE A 264 -10.57 -4.58 3.58
N GLY A 265 -10.96 -4.18 4.80
CA GLY A 265 -11.75 -2.96 4.94
C GLY A 265 -11.02 -1.74 4.41
N ASN A 266 -9.72 -1.65 4.67
CA ASN A 266 -8.94 -0.53 4.15
C ASN A 266 -8.96 -0.52 2.62
N HIS A 267 -8.80 -1.68 2.00
CA HIS A 267 -8.90 -1.74 0.56
C HIS A 267 -10.26 -1.27 0.07
N PHE A 268 -11.35 -1.70 0.72
CA PHE A 268 -12.66 -1.23 0.32
C PHE A 268 -12.78 0.29 0.43
N CYS A 269 -12.25 0.88 1.49
CA CYS A 269 -12.28 2.32 1.63
C CYS A 269 -11.60 3.00 0.46
N GLU A 270 -10.54 2.38 -0.07
CA GLU A 270 -9.80 3.04 -1.13
C GLU A 270 -10.59 3.14 -2.43
N TRP A 271 -11.68 2.37 -2.58
CA TRP A 271 -12.58 2.54 -3.73
C TRP A 271 -13.14 3.97 -3.82
N MET A 272 -13.21 4.67 -2.68
CA MET A 272 -13.86 5.98 -2.58
C MET A 272 -12.97 7.17 -2.89
N TYR A 273 -11.67 6.98 -3.03
CA TYR A 273 -10.73 8.10 -3.07
C TYR A 273 -9.90 8.04 -4.33
N ASP A 274 -9.92 9.13 -5.10
CA ASP A 274 -9.16 9.28 -6.34
C ASP A 274 -8.10 10.33 -6.07
N TYR A 275 -6.84 9.93 -6.11
CA TYR A 275 -5.75 10.83 -5.79
C TYR A 275 -5.11 11.45 -7.03
N SER A 276 -5.75 11.31 -8.18
CA SER A 276 -5.23 11.86 -9.44
C SER A 276 -5.79 13.25 -9.76
N TYR A 277 -6.70 13.77 -8.95
CA TYR A 277 -7.29 15.09 -9.18
C TYR A 277 -6.20 16.15 -9.23
N GLU A 278 -6.20 16.97 -10.29
CA GLU A 278 -5.06 17.86 -10.54
C GLU A 278 -5.24 19.24 -9.92
N LYS A 279 -6.32 19.46 -9.18
CA LYS A 279 -6.60 20.69 -8.45
C LYS A 279 -6.57 20.45 -6.95
N TYR A 280 -6.31 21.50 -6.19
CA TYR A 280 -6.50 21.46 -4.74
C TYR A 280 -7.92 21.00 -4.47
N PRO A 281 -8.11 20.07 -3.52
CA PRO A 281 -7.13 19.50 -2.58
C PRO A 281 -6.35 18.27 -3.08
N PHE A 282 -6.42 18.00 -4.38
CA PHE A 282 -5.64 16.97 -5.08
C PHE A 282 -6.15 15.56 -4.78
N PHE A 283 -7.41 15.45 -4.35
CA PHE A 283 -8.11 14.19 -4.28
C PHE A 283 -9.58 14.49 -4.50
N ARG A 284 -10.31 13.48 -4.93
CA ARG A 284 -11.76 13.49 -4.87
C ARG A 284 -12.23 12.31 -4.06
N ALA A 285 -13.31 12.51 -3.31
CA ALA A 285 -13.92 11.49 -2.48
C ALA A 285 -15.36 11.28 -2.91
N ASN A 286 -15.81 10.03 -2.96
CA ASN A 286 -17.18 9.73 -3.35
C ASN A 286 -17.69 8.57 -2.49
N ILE A 287 -18.51 8.90 -1.50
CA ILE A 287 -19.02 7.87 -0.58
C ILE A 287 -19.81 6.81 -1.34
N ARG A 288 -20.41 7.18 -2.47
CA ARG A 288 -21.22 6.23 -3.23
C ARG A 288 -20.39 5.19 -3.96
N LYS A 289 -19.08 5.37 -4.03
CA LYS A 289 -18.23 4.41 -4.72
C LYS A 289 -17.70 3.31 -3.81
N TYR A 290 -18.01 3.35 -2.51
CA TYR A 290 -17.71 2.23 -1.63
C TYR A 290 -18.37 0.97 -2.21
N PRO A 291 -17.70 -0.18 -2.17
CA PRO A 291 -18.31 -1.39 -2.76
C PRO A 291 -19.68 -1.69 -2.14
N THR A 292 -20.63 -2.02 -3.01
CA THR A 292 -21.90 -2.53 -2.55
C THR A 292 -21.70 -3.90 -1.90
N LYS A 293 -22.70 -4.35 -1.16
CA LYS A 293 -22.55 -5.67 -0.55
C LYS A 293 -22.41 -6.77 -1.61
N LYS A 294 -23.03 -6.61 -2.78
CA LYS A 294 -22.80 -7.54 -3.89
C LYS A 294 -21.33 -7.55 -4.30
N GLN A 295 -20.74 -6.37 -4.45
CA GLN A 295 -19.33 -6.28 -4.83
C GLN A 295 -18.43 -6.81 -3.73
N GLN A 296 -18.78 -6.54 -2.47
CA GLN A 296 -18.00 -7.10 -1.37
C GLN A 296 -18.04 -8.62 -1.39
N LEU A 297 -19.22 -9.19 -1.65
CA LEU A 297 -19.33 -10.65 -1.71
C LEU A 297 -18.49 -11.23 -2.84
N HIS A 298 -18.42 -10.53 -3.98
CA HIS A 298 -17.58 -10.98 -5.08
C HIS A 298 -16.12 -11.05 -4.64
N PHE A 299 -15.65 -9.99 -3.98
CA PHE A 299 -14.28 -9.95 -3.48
C PHE A 299 -14.03 -11.10 -2.50
N ILE A 300 -14.87 -11.24 -1.47
CA ILE A 300 -14.54 -12.23 -0.46
C ILE A 300 -14.75 -13.64 -0.98
N SER A 301 -15.59 -13.82 -2.02
CA SER A 301 -15.72 -15.14 -2.62
C SER A 301 -14.47 -15.57 -3.37
N SER A 302 -13.64 -14.62 -3.81
CA SER A 302 -12.32 -14.96 -4.34
CA SER A 302 -12.33 -14.97 -4.34
C SER A 302 -11.29 -15.08 -3.23
N TYR A 303 -11.42 -14.23 -2.21
CA TYR A 303 -10.46 -14.25 -1.11
C TYR A 303 -10.48 -15.60 -0.40
N LEU A 304 -11.67 -16.07 -0.02
CA LEU A 304 -11.74 -17.22 0.88
C LEU A 304 -11.13 -18.49 0.31
N PRO A 305 -11.43 -18.92 -0.92
CA PRO A 305 -10.75 -20.13 -1.42
C PRO A 305 -9.27 -19.94 -1.69
N ALA A 306 -8.81 -18.70 -1.87
CA ALA A 306 -7.38 -18.45 -1.99
C ALA A 306 -6.68 -18.53 -0.64
N PHE A 307 -7.39 -18.24 0.45
CA PHE A 307 -6.84 -18.25 1.81
C PHE A 307 -7.02 -19.59 2.51
N GLN A 308 -7.94 -20.42 2.02
CA GLN A 308 -8.33 -21.67 2.68
C GLN A 308 -8.82 -22.57 1.53
N ASN A 309 -7.90 -23.33 0.93
CA ASN A 309 -8.18 -23.79 -0.43
C ASN A 309 -9.24 -24.89 -0.52
N ASP A 310 -9.58 -25.56 0.59
CA ASP A 310 -10.71 -26.49 0.57
C ASP A 310 -12.04 -25.80 0.90
N PHE A 311 -12.05 -24.47 0.91
CA PHE A 311 -13.25 -23.71 1.25
C PHE A 311 -14.43 -24.10 0.36
N GLU A 312 -14.18 -24.33 -0.93
CA GLU A 312 -15.30 -24.58 -1.83
C GLU A 312 -15.97 -25.93 -1.55
N ASN A 313 -15.32 -26.82 -0.81
CA ASN A 313 -15.92 -28.11 -0.46
C ASN A 313 -16.88 -28.02 0.73
N LEU A 314 -16.94 -26.89 1.41
CA LEU A 314 -17.92 -26.69 2.47
C LEU A 314 -19.32 -26.58 1.88
N SER A 315 -20.32 -26.81 2.72
CA SER A 315 -21.70 -26.68 2.27
C SER A 315 -21.98 -25.24 1.86
N THR A 316 -23.02 -25.06 1.05
CA THR A 316 -23.40 -23.70 0.68
C THR A 316 -23.78 -22.89 1.92
N GLU A 317 -24.46 -23.53 2.88
CA GLU A 317 -24.82 -22.79 4.09
C GLU A 317 -23.61 -22.46 4.94
N GLU A 318 -22.60 -23.34 5.02
CA GLU A 318 -21.43 -22.95 5.82
C GLU A 318 -20.62 -21.87 5.13
N LYS A 319 -20.47 -21.94 3.81
CA LYS A 319 -19.86 -20.83 3.10
C LYS A 319 -20.63 -19.53 3.34
N SER A 320 -21.98 -19.61 3.33
CA SER A 320 -22.78 -18.40 3.52
C SER A 320 -22.53 -17.76 4.88
N ILE A 321 -22.46 -18.56 5.95
N ILE A 321 -22.48 -18.58 5.94
CA ILE A 321 -22.22 -17.98 7.27
CA ILE A 321 -22.21 -18.06 7.28
C ILE A 321 -20.84 -17.36 7.33
C ILE A 321 -20.85 -17.37 7.31
N ILE A 322 -19.83 -18.05 6.78
CA ILE A 322 -18.48 -17.50 6.76
C ILE A 322 -18.45 -16.17 6.03
N LYS A 323 -19.12 -16.10 4.87
CA LYS A 323 -19.15 -14.86 4.11
C LYS A 323 -19.91 -13.76 4.84
N GLU A 324 -21.05 -14.10 5.47
CA GLU A 324 -21.80 -13.09 6.21
C GLU A 324 -20.99 -12.54 7.37
N GLU A 325 -20.31 -13.42 8.11
CA GLU A 325 -19.50 -12.96 9.23
C GLU A 325 -18.32 -12.14 8.76
N MET A 326 -17.77 -12.47 7.59
CA MET A 326 -16.66 -11.67 7.07
C MET A 326 -17.12 -10.28 6.64
N LEU A 327 -18.31 -10.19 6.04
CA LEU A 327 -18.86 -8.88 5.69
C LEU A 327 -18.92 -7.98 6.92
N LEU A 328 -19.42 -8.52 8.04
CA LEU A 328 -19.51 -7.68 9.24
C LEU A 328 -18.11 -7.32 9.74
N GLU A 329 -17.20 -8.29 9.71
CA GLU A 329 -15.83 -8.07 10.16
C GLU A 329 -15.17 -6.95 9.37
N VAL A 330 -15.22 -7.04 8.04
CA VAL A 330 -14.45 -6.08 7.23
C VAL A 330 -15.08 -4.70 7.26
N ASN A 331 -16.41 -4.60 7.37
CA ASN A 331 -17.01 -3.28 7.38
C ASN A 331 -16.83 -2.59 8.72
N ARG A 332 -16.74 -3.35 9.80
CA ARG A 332 -16.38 -2.75 11.09
C ARG A 332 -14.92 -2.29 11.08
N PHE A 333 -14.01 -3.13 10.58
CA PHE A 333 -12.63 -2.68 10.53
C PHE A 333 -12.39 -1.57 9.53
N ALA A 334 -13.28 -1.40 8.54
CA ALA A 334 -13.18 -0.22 7.67
C ALA A 334 -13.24 1.08 8.47
N LEU A 335 -13.97 1.07 9.58
CA LEU A 335 -14.00 2.25 10.46
C LEU A 335 -12.60 2.61 10.93
N ALA A 336 -11.77 1.60 11.22
CA ALA A 336 -10.41 1.89 11.67
C ALA A 336 -9.53 2.41 10.54
N SER A 337 -9.82 2.01 9.29
CA SER A 337 -9.15 2.65 8.17
C SER A 337 -9.42 4.15 8.13
N HIS A 338 -10.69 4.54 8.26
CA HIS A 338 -11.00 5.96 8.25
C HIS A 338 -10.32 6.69 9.41
N PHE A 339 -10.41 6.11 10.61
CA PHE A 339 -9.86 6.80 11.78
C PHE A 339 -8.34 6.90 11.68
N LEU A 340 -7.66 5.82 11.31
CA LEU A 340 -6.21 5.84 11.21
C LEU A 340 -5.73 6.82 10.15
N TRP A 341 -6.29 6.72 8.94
CA TRP A 341 -5.84 7.60 7.86
C TRP A 341 -6.22 9.06 8.12
N GLY A 342 -7.36 9.28 8.79
CA GLY A 342 -7.72 10.64 9.16
C GLY A 342 -6.70 11.24 10.10
N LEU A 343 -6.31 10.49 11.14
CA LEU A 343 -5.29 10.97 12.06
C LEU A 343 -3.95 11.15 11.35
N TRP A 344 -3.53 10.16 10.57
CA TRP A 344 -2.30 10.26 9.78
C TRP A 344 -2.28 11.54 8.96
N SER A 345 -3.41 11.89 8.34
CA SER A 345 -3.43 13.04 7.45
C SER A 345 -3.30 14.34 8.21
N ILE A 346 -3.89 14.43 9.41
CA ILE A 346 -3.68 15.62 10.24
C ILE A 346 -2.21 15.77 10.58
N VAL A 347 -1.55 14.67 10.97
CA VAL A 347 -0.13 14.71 11.26
C VAL A 347 0.65 15.20 10.04
N GLN A 348 0.32 14.68 8.86
CA GLN A 348 1.01 15.13 7.65
C GLN A 348 0.79 16.61 7.39
N ALA A 349 -0.40 17.12 7.69
CA ALA A 349 -0.62 18.56 7.53
C ALA A 349 0.40 19.36 8.35
N LYS A 350 0.82 18.83 9.50
CA LYS A 350 1.80 19.51 10.32
C LYS A 350 3.22 19.28 9.84
N ILE A 351 3.58 18.04 9.47
CA ILE A 351 4.98 17.69 9.27
C ILE A 351 5.38 17.49 7.81
N SER A 352 4.43 17.36 6.88
CA SER A 352 4.80 16.98 5.52
C SER A 352 5.35 18.19 4.77
N SER A 353 6.22 17.89 3.79
CA SER A 353 6.76 18.90 2.88
C SER A 353 6.15 18.81 1.49
N ILE A 354 4.94 18.27 1.37
CA ILE A 354 4.35 17.96 0.08
C ILE A 354 3.00 18.65 -0.07
N GLU A 355 2.69 19.08 -1.30
CA GLU A 355 1.46 19.80 -1.61
C GLU A 355 0.33 18.80 -1.80
N PHE A 356 -0.45 18.59 -0.74
CA PHE A 356 -1.65 17.78 -0.78
C PHE A 356 -2.62 18.39 0.23
N GLY A 357 -3.91 18.25 -0.02
CA GLY A 357 -4.91 18.83 0.88
C GLY A 357 -5.15 17.94 2.09
N TYR A 358 -4.18 17.90 3.01
CA TYR A 358 -4.22 16.92 4.10
C TYR A 358 -5.37 17.18 5.06
N MET A 359 -5.66 18.44 5.39
CA MET A 359 -6.74 18.67 6.34
C MET A 359 -8.09 18.36 5.73
N ASP A 360 -8.26 18.67 4.45
CA ASP A 360 -9.51 18.30 3.77
C ASP A 360 -9.63 16.79 3.65
N TYR A 361 -8.53 16.09 3.40
CA TYR A 361 -8.59 14.63 3.35
C TYR A 361 -8.94 14.05 4.71
N ALA A 362 -8.36 14.60 5.78
CA ALA A 362 -8.73 14.16 7.13
C ALA A 362 -10.24 14.30 7.34
N GLN A 363 -10.80 15.44 6.95
CA GLN A 363 -12.23 15.64 7.15
C GLN A 363 -13.03 14.65 6.33
N ALA A 364 -12.58 14.35 5.11
CA ALA A 364 -13.25 13.35 4.29
C ALA A 364 -13.27 11.99 4.99
N ARG A 365 -12.13 11.58 5.57
CA ARG A 365 -12.10 10.28 6.23
C ARG A 365 -12.98 10.26 7.46
N PHE A 366 -13.00 11.35 8.24
CA PHE A 366 -13.87 11.34 9.42
C PHE A 366 -15.34 11.45 9.03
N ASP A 367 -15.65 12.18 7.96
CA ASP A 367 -17.02 12.18 7.45
C ASP A 367 -17.46 10.75 7.10
N ALA A 368 -16.59 10.01 6.42
CA ALA A 368 -16.91 8.64 6.06
C ALA A 368 -16.98 7.75 7.30
N TYR A 369 -16.13 7.99 8.29
CA TYR A 369 -16.20 7.25 9.55
C TYR A 369 -17.59 7.34 10.14
N PHE A 370 -18.12 8.56 10.28
CA PHE A 370 -19.41 8.67 10.94
C PHE A 370 -20.55 8.16 10.05
N HIS A 371 -20.42 8.34 8.73
CA HIS A 371 -21.42 7.81 7.80
C HIS A 371 -21.49 6.30 7.91
N GLN A 372 -20.33 5.64 7.89
CA GLN A 372 -20.29 4.18 8.01
C GLN A 372 -20.77 3.72 9.38
N LYS A 373 -20.42 4.46 10.43
CA LYS A 373 -20.90 4.15 11.77
C LYS A 373 -22.42 4.08 11.80
N ARG A 374 -23.09 5.03 11.14
CA ARG A 374 -24.55 5.03 11.09
C ARG A 374 -25.08 3.81 10.37
N LYS A 375 -24.54 3.53 9.18
CA LYS A 375 -25.01 2.38 8.41
C LYS A 375 -24.90 1.10 9.21
N LEU A 376 -23.82 0.95 9.98
CA LEU A 376 -23.62 -0.24 10.80
C LEU A 376 -24.55 -0.27 12.00
N GLY A 377 -25.08 0.89 12.42
CA GLY A 377 -25.88 0.93 13.62
C GLY A 377 -25.07 0.99 14.89
N VAL A 378 -23.79 1.33 14.79
CA VAL A 378 -22.92 1.48 15.95
C VAL A 378 -22.50 2.94 16.09
C1 EDO B . 23.14 -11.67 -9.07
O1 EDO B . 22.10 -11.06 -9.84
C2 EDO B . 23.90 -12.68 -9.89
O2 EDO B . 25.22 -12.90 -9.36
C1 EDO C . 35.63 3.86 -13.50
O1 EDO C . 34.76 4.88 -12.99
C2 EDO C . 35.48 2.65 -12.58
O2 EDO C . 34.27 2.79 -11.85
C1 EDO D . 7.56 -0.56 -11.29
O1 EDO D . 7.00 0.69 -11.73
C2 EDO D . 8.82 -0.86 -12.08
O2 EDO D . 9.51 -1.95 -11.46
C1 EDO E . -16.74 11.53 1.41
O1 EDO E . -17.04 11.96 2.74
C2 EDO E . -15.98 10.21 1.49
O2 EDO E . -14.92 10.36 2.46
C1 EDO F . -3.25 20.91 5.02
O1 EDO F . -4.36 21.05 4.17
C2 EDO F . -1.98 20.73 4.25
O2 EDO F . -0.89 20.92 5.09
C1 EDO G . -7.88 -3.02 -16.77
O1 EDO G . -8.79 -1.98 -17.12
C2 EDO G . -7.34 -3.70 -18.03
O2 EDO G . -7.36 -5.11 -17.84
C1 EDO H . -20.72 -13.64 -4.23
O1 EDO H . -20.37 -13.54 -5.61
C2 EDO H . -21.32 -15.01 -3.95
O2 EDO H . -21.65 -15.09 -2.57
C1 EDO I . -12.84 -17.59 8.82
O1 EDO I . -13.38 -16.35 8.35
C2 EDO I . -12.08 -18.26 7.68
O2 EDO I . -11.09 -17.34 7.19
C1 EDO J . 20.70 -0.86 4.18
O1 EDO J . 21.88 -1.61 3.86
C2 EDO J . 20.86 -0.22 5.55
O2 EDO J . 22.09 0.50 5.60
CAA PQ7 K . 2.77 6.48 2.17
NAB PQ7 K . 1.91 5.89 3.23
CAC PQ7 K . 1.54 6.59 4.39
CAD PQ7 K . 0.73 5.98 5.35
CAE PQ7 K . 0.31 4.66 5.18
CAF PQ7 K . 0.69 3.96 4.03
CAG PQ7 K . 1.48 4.57 3.07
NAH PQ7 K . -0.46 4.06 6.09
NAI PQ7 K . -1.78 10.74 -4.17
CAJ PQ7 K . -1.58 9.38 -3.88
CAK PQ7 K . -1.98 8.86 -2.65
CAL PQ7 K . -2.53 9.71 -1.69
CAM PQ7 K . -2.72 11.06 -1.94
CAN PQ7 K . -2.34 11.56 -3.16
NAO PQ7 K . -2.93 9.25 -0.51
CAP PQ7 K . -2.94 7.98 0.13
CAQ PQ7 K . -4.09 8.01 1.21
CAR PQ7 K . -0.94 4.81 7.26
CAS PQ7 K . -0.87 2.66 5.85
CAT PQ7 K . -3.59 9.97 0.52
CAU PQ7 K . -3.40 9.17 1.85
CAV PQ7 K . -1.32 11.39 -5.46
CAW PQ7 K . -0.20 11.92 -4.92
CAX PQ7 K . 0.87 11.06 -4.76
CAY PQ7 K . 2.02 11.50 -4.14
CAZ PQ7 K . 2.02 12.80 -3.67
CBA PQ7 K . 0.94 13.66 -3.78
CBB PQ7 K . -0.20 13.22 -4.42
CBC PQ7 K . 3.08 13.30 -3.00
CBD PQ7 K . 2.60 13.15 -1.53
CBE PQ7 K . 2.44 11.70 -1.02
CBF PQ7 K . 1.88 11.67 0.41
CBG PQ7 K . 1.94 10.34 0.81
CBH PQ7 K . 0.93 9.39 0.70
CBI PQ7 K . 1.18 8.08 1.16
CBJ PQ7 K . 2.42 7.76 1.72
CBK PQ7 K . 3.41 8.73 1.80
CBL PQ7 K . 3.17 10.01 1.35
#